data_3Q28
#
_entry.id   3Q28
#
_cell.length_a   57.540
_cell.length_b   48.570
_cell.length_c   57.850
_cell.angle_alpha   90.000
_cell.angle_beta   94.230
_cell.angle_gamma   90.000
#
_symmetry.space_group_name_H-M   'P 1 21 1'
#
loop_
_entity.id
_entity.type
_entity.pdbx_description
1 polymer 'Maltose-binding periplasmic protein/alpha-synuclein chimeric protein'
2 branched alpha-D-glucopyranose-(1-4)-alpha-D-glucopyranose
3 non-polymer 'SULFATE ION'
4 water water
#
_entity_poly.entity_id   1
_entity_poly.type   'polypeptide(L)'
_entity_poly.pdbx_seq_one_letter_code
;MKIEEGKLVIWINGDKGYNGLAEVGKKFEKDTGIKVTVEHPDKLEEKFPQVAATGDGPDIIFWAHDRFGGYAQSGLLAEI
TPDKAFQDKLYPFTWDAVRYNGKLIAYPIAVEALSLIYNKDLLPNPPKTWEEIPALDKELKAKGKSALMFNLQEPYFTWP
LIAADGGYAFKYENGKYDIKDVGVDNAGAKAGLTFLVDLIKNKHMNADTDYSIAEAAFNKGETAMTINGPWAWSNIDTSK
VNYGVTVLPTFKGQPSKPFVGVLSAGINAASPNKELAKEFLENYLLTDEGLEAVNKDKPLGAVALKSYEEELAKDPRIAA
TMENAQKGEIMPNIPQMSAFWYAVRTAVINAASGRQTVDEALKDAQTNSSSKTKEQVTNVGGAVVTGVTAVAQ
;
_entity_poly.pdbx_strand_id   A
#
# COMPACT_ATOMS: atom_id res chain seq x y z
N MET A 1 -20.80 18.54 11.41
CA MET A 1 -20.69 19.59 12.41
C MET A 1 -19.24 20.11 12.55
N LYS A 2 -18.37 19.35 13.21
CA LYS A 2 -16.97 19.73 13.32
C LYS A 2 -16.27 19.81 11.96
N ILE A 3 -16.62 18.87 11.09
CA ILE A 3 -16.21 18.90 9.70
C ILE A 3 -17.12 19.91 9.01
N GLU A 4 -16.54 20.85 8.27
CA GLU A 4 -17.31 21.98 7.73
C GLU A 4 -18.36 21.56 6.69
N GLU A 5 -19.60 22.02 6.88
CA GLU A 5 -20.65 21.69 5.93
C GLU A 5 -20.47 22.49 4.66
N GLY A 6 -20.73 21.84 3.53
CA GLY A 6 -20.73 22.52 2.25
C GLY A 6 -19.38 22.62 1.55
N LYS A 7 -18.40 21.85 2.01
CA LYS A 7 -17.14 21.71 1.30
CA LYS A 7 -17.16 21.69 1.26
C LYS A 7 -16.66 20.28 1.50
N LEU A 8 -15.63 19.89 0.75
CA LEU A 8 -15.01 18.58 0.94
C LEU A 8 -13.53 18.75 1.26
N VAL A 9 -13.08 18.07 2.32
CA VAL A 9 -11.66 17.95 2.64
C VAL A 9 -11.28 16.49 2.41
N ILE A 10 -10.20 16.29 1.65
CA ILE A 10 -9.74 14.96 1.28
C ILE A 10 -8.31 14.76 1.75
N TRP A 11 -8.03 13.59 2.35
CA TRP A 11 -6.66 13.20 2.68
C TRP A 11 -6.19 12.05 1.80
N ILE A 12 -4.98 12.16 1.26
CA ILE A 12 -4.37 11.10 0.46
C ILE A 12 -2.85 11.10 0.69
N ASN A 13 -2.22 9.95 0.59
CA ASN A 13 -0.79 9.85 0.85
C ASN A 13 0.05 10.70 -0.11
N GLY A 14 1.14 11.26 0.41
CA GLY A 14 1.95 12.17 -0.36
C GLY A 14 2.74 11.56 -1.51
N ASP A 15 2.75 10.23 -1.63
CA ASP A 15 3.43 9.65 -2.79
CA ASP A 15 3.42 9.57 -2.75
C ASP A 15 2.46 9.37 -3.94
N LYS A 16 1.18 9.65 -3.72
CA LYS A 16 0.15 9.46 -4.75
C LYS A 16 -0.11 10.76 -5.50
N GLY A 17 -1.03 10.70 -6.47
CA GLY A 17 -1.25 11.84 -7.34
C GLY A 17 -2.19 12.88 -6.78
N TYR A 18 -1.79 13.53 -5.68
CA TYR A 18 -2.67 14.49 -5.00
C TYR A 18 -2.89 15.77 -5.80
N ASN A 19 -1.93 16.13 -6.62
CA ASN A 19 -2.11 17.31 -7.47
CA ASN A 19 -2.07 17.29 -7.50
C ASN A 19 -3.15 17.03 -8.55
N GLY A 20 -3.11 15.84 -9.14
CA GLY A 20 -4.11 15.44 -10.10
C GLY A 20 -5.47 15.34 -9.45
N LEU A 21 -5.51 14.80 -8.24
CA LEU A 21 -6.77 14.73 -7.51
C LEU A 21 -7.34 16.14 -7.26
N ALA A 22 -6.47 17.09 -6.94
CA ALA A 22 -6.90 18.47 -6.69
C ALA A 22 -7.50 19.08 -7.96
N GLU A 23 -6.98 18.70 -9.12
CA GLU A 23 -7.53 19.18 -10.39
CA GLU A 23 -7.51 19.14 -10.41
C GLU A 23 -8.97 18.71 -10.57
N VAL A 24 -9.26 17.47 -10.18
CA VAL A 24 -10.62 16.96 -10.24
C VAL A 24 -11.47 17.74 -9.23
N GLY A 25 -10.91 18.03 -8.06
CA GLY A 25 -11.61 18.85 -7.08
C GLY A 25 -11.96 20.24 -7.59
N LYS A 26 -11.04 20.85 -8.32
CA LYS A 26 -11.30 22.19 -8.86
C LYS A 26 -12.37 22.17 -9.95
N LYS A 27 -12.41 21.12 -10.75
CA LYS A 27 -13.52 20.94 -11.69
C LYS A 27 -14.87 20.85 -10.98
N PHE A 28 -14.95 20.02 -9.94
CA PHE A 28 -16.17 19.92 -9.12
C PHE A 28 -16.61 21.28 -8.58
N GLU A 29 -15.65 22.05 -8.07
CA GLU A 29 -15.94 23.37 -7.51
C GLU A 29 -16.47 24.33 -8.60
N LYS A 30 -15.86 24.31 -9.78
CA LYS A 30 -16.29 25.20 -10.87
C LYS A 30 -17.71 24.87 -11.31
N ASP A 31 -18.06 23.58 -11.28
CA ASP A 31 -19.40 23.14 -11.68
C ASP A 31 -20.46 23.39 -10.60
N THR A 32 -20.13 23.15 -9.33
CA THR A 32 -21.12 23.07 -8.26
C THR A 32 -20.99 24.14 -7.18
N GLY A 33 -19.88 24.88 -7.20
CA GLY A 33 -19.62 25.87 -6.18
C GLY A 33 -19.05 25.29 -4.89
N ILE A 34 -18.96 23.97 -4.84
CA ILE A 34 -18.47 23.29 -3.65
C ILE A 34 -16.93 23.17 -3.67
N LYS A 35 -16.29 23.85 -2.73
CA LYS A 35 -14.84 23.79 -2.61
C LYS A 35 -14.33 22.42 -2.20
N VAL A 36 -13.26 21.99 -2.85
CA VAL A 36 -12.61 20.73 -2.51
C VAL A 36 -11.16 21.02 -2.16
N THR A 37 -10.73 20.60 -0.98
CA THR A 37 -9.37 20.84 -0.51
C THR A 37 -8.69 19.49 -0.31
N VAL A 38 -7.60 19.26 -1.04
CA VAL A 38 -6.81 18.04 -0.91
C VAL A 38 -5.57 18.28 -0.03
N GLU A 39 -5.39 17.42 0.96
CA GLU A 39 -4.23 17.47 1.86
C GLU A 39 -3.52 16.12 1.85
N HIS A 40 -2.25 16.14 2.19
CA HIS A 40 -1.47 14.90 2.28
C HIS A 40 -0.63 14.88 3.55
N PRO A 41 -1.31 14.73 4.70
CA PRO A 41 -0.63 14.73 6.00
C PRO A 41 0.35 13.57 6.11
N ASP A 42 1.41 13.75 6.88
CA ASP A 42 2.27 12.64 7.26
C ASP A 42 1.46 11.68 8.13
N LYS A 43 1.72 10.38 7.98
CA LYS A 43 1.11 9.37 8.84
C LYS A 43 -0.41 9.51 8.91
N LEU A 44 -1.04 9.78 7.77
CA LEU A 44 -2.49 10.05 7.79
C LEU A 44 -3.29 8.83 8.28
N GLU A 45 -2.75 7.64 8.07
CA GLU A 45 -3.46 6.42 8.45
C GLU A 45 -3.45 6.20 9.96
N GLU A 46 -2.52 6.87 10.65
CA GLU A 46 -2.53 6.92 12.12
C GLU A 46 -3.33 8.13 12.63
N LYS A 47 -3.25 9.24 11.92
CA LYS A 47 -3.97 10.44 12.35
C LYS A 47 -5.47 10.25 12.21
N PHE A 48 -5.91 9.64 11.11
CA PHE A 48 -7.34 9.55 10.84
C PHE A 48 -8.16 8.95 11.99
N PRO A 49 -7.81 7.74 12.46
CA PRO A 49 -8.64 7.19 13.53
C PRO A 49 -8.64 8.03 14.82
N GLN A 50 -7.53 8.69 15.14
CA GLN A 50 -7.47 9.55 16.31
C GLN A 50 -8.43 10.74 16.23
N VAL A 51 -8.41 11.45 15.10
CA VAL A 51 -9.27 12.65 15.00
C VAL A 51 -10.71 12.30 14.64
N ALA A 52 -10.89 11.27 13.82
CA ALA A 52 -12.24 10.85 13.42
C ALA A 52 -13.03 10.30 14.61
N ALA A 53 -12.33 9.74 15.59
CA ALA A 53 -12.96 9.29 16.81
C ALA A 53 -13.71 10.41 17.54
N THR A 54 -13.32 11.67 17.31
CA THR A 54 -13.99 12.81 17.94
C THR A 54 -14.93 13.53 16.98
N GLY A 55 -15.04 13.02 15.76
CA GLY A 55 -15.92 13.63 14.78
C GLY A 55 -15.23 14.63 13.87
N ASP A 56 -13.90 14.66 13.91
CA ASP A 56 -13.13 15.57 13.07
C ASP A 56 -12.42 14.78 11.97
N GLY A 57 -11.51 15.44 11.26
CA GLY A 57 -10.81 14.80 10.17
C GLY A 57 -11.36 15.20 8.81
N PRO A 58 -10.94 14.49 7.77
CA PRO A 58 -11.36 14.80 6.39
C PRO A 58 -12.75 14.25 6.13
N ASP A 59 -13.45 14.78 5.14
CA ASP A 59 -14.64 14.10 4.65
C ASP A 59 -14.32 12.76 3.99
N ILE A 60 -13.21 12.69 3.26
CA ILE A 60 -12.84 11.50 2.50
C ILE A 60 -11.39 11.15 2.79
N ILE A 61 -11.15 9.87 3.09
CA ILE A 61 -9.79 9.38 3.27
C ILE A 61 -9.43 8.35 2.21
N PHE A 62 -8.28 8.54 1.56
CA PHE A 62 -7.76 7.54 0.62
C PHE A 62 -6.67 6.70 1.28
N TRP A 63 -6.84 5.38 1.26
CA TRP A 63 -5.78 4.47 1.72
C TRP A 63 -6.07 3.10 1.15
N ALA A 64 -5.08 2.21 1.14
CA ALA A 64 -5.36 0.82 0.81
C ALA A 64 -6.45 0.23 1.73
N HIS A 65 -7.22 -0.73 1.20
CA HIS A 65 -8.40 -1.24 1.89
C HIS A 65 -8.11 -1.94 3.22
N ASP A 66 -6.86 -2.29 3.48
CA ASP A 66 -6.57 -3.15 4.64
C ASP A 66 -6.85 -2.45 5.95
N ARG A 67 -6.71 -1.12 5.97
CA ARG A 67 -6.98 -0.36 7.19
C ARG A 67 -8.46 -0.10 7.46
N PHE A 68 -9.30 -0.32 6.45
CA PHE A 68 -10.67 0.20 6.50
C PHE A 68 -11.64 -0.64 7.33
N GLY A 69 -11.37 -1.94 7.45
CA GLY A 69 -12.17 -2.76 8.35
C GLY A 69 -12.06 -2.27 9.79
N GLY A 70 -10.84 -1.95 10.23
CA GLY A 70 -10.63 -1.40 11.55
C GLY A 70 -11.37 -0.08 11.75
N TYR A 71 -11.25 0.82 10.78
CA TYR A 71 -11.98 2.09 10.87
C TYR A 71 -13.49 1.86 10.94
N ALA A 72 -14.00 0.95 10.12
CA ALA A 72 -15.44 0.67 10.11
C ALA A 72 -15.90 0.06 11.44
N GLN A 73 -15.11 -0.86 11.99
CA GLN A 73 -15.49 -1.46 13.27
CA GLN A 73 -15.45 -1.46 13.28
C GLN A 73 -15.58 -0.39 14.36
N SER A 74 -14.71 0.62 14.28
CA SER A 74 -14.68 1.71 15.24
C SER A 74 -15.77 2.76 15.00
N GLY A 75 -16.57 2.58 13.95
CA GLY A 75 -17.64 3.51 13.64
C GLY A 75 -17.21 4.78 12.93
N LEU A 76 -16.10 4.72 12.21
CA LEU A 76 -15.50 5.93 11.64
C LEU A 76 -15.71 6.11 10.14
N LEU A 77 -16.22 5.05 9.49
CA LEU A 77 -16.50 5.10 8.05
C LEU A 77 -17.98 4.86 7.79
N ALA A 78 -18.55 5.63 6.87
CA ALA A 78 -19.95 5.49 6.50
C ALA A 78 -20.13 4.32 5.53
N GLU A 79 -21.25 3.63 5.64
CA GLU A 79 -21.65 2.71 4.57
C GLU A 79 -22.00 3.53 3.34
N ILE A 80 -21.49 3.11 2.19
CA ILE A 80 -21.76 3.81 0.94
C ILE A 80 -22.98 3.23 0.22
N THR A 81 -23.56 3.99 -0.69
CA THR A 81 -24.81 3.59 -1.32
C THR A 81 -24.81 3.61 -2.86
N PRO A 82 -23.78 3.05 -3.51
CA PRO A 82 -23.81 3.02 -4.98
C PRO A 82 -24.94 2.13 -5.50
N ASP A 83 -25.62 2.55 -6.55
CA ASP A 83 -26.64 1.68 -7.12
C ASP A 83 -26.02 0.59 -7.99
N LYS A 84 -26.85 -0.31 -8.48
CA LYS A 84 -26.36 -1.44 -9.25
C LYS A 84 -25.61 -1.01 -10.52
N ALA A 85 -26.13 0.00 -11.21
CA ALA A 85 -25.48 0.49 -12.44
C ALA A 85 -24.08 0.99 -12.12
N PHE A 86 -23.92 1.68 -10.99
CA PHE A 86 -22.59 2.14 -10.63
C PHE A 86 -21.69 0.97 -10.29
N GLN A 87 -22.20 0.02 -9.50
CA GLN A 87 -21.38 -1.11 -9.12
C GLN A 87 -20.88 -1.90 -10.32
N ASP A 88 -21.69 -1.96 -11.37
CA ASP A 88 -21.31 -2.62 -12.63
C ASP A 88 -20.08 -2.01 -13.31
N LYS A 89 -19.76 -0.76 -13.00
CA LYS A 89 -18.64 -0.07 -13.63
CA LYS A 89 -18.64 -0.09 -13.66
C LYS A 89 -17.28 -0.52 -13.12
N LEU A 90 -17.25 -1.17 -11.96
CA LEU A 90 -15.99 -1.60 -11.36
C LEU A 90 -15.90 -3.12 -11.27
N TYR A 91 -14.67 -3.66 -11.27
CA TYR A 91 -14.46 -5.11 -11.17
C TYR A 91 -14.97 -5.67 -9.86
N PRO A 92 -15.70 -6.80 -9.92
CA PRO A 92 -16.27 -7.41 -8.71
C PRO A 92 -15.27 -7.62 -7.57
N PHE A 93 -14.07 -8.08 -7.88
CA PHE A 93 -13.12 -8.37 -6.82
C PHE A 93 -12.72 -7.11 -6.04
N THR A 94 -12.80 -5.95 -6.68
CA THR A 94 -12.47 -4.71 -5.98
C THR A 94 -13.56 -4.35 -4.96
N TRP A 95 -14.82 -4.63 -5.30
CA TRP A 95 -15.89 -4.42 -4.31
C TRP A 95 -15.73 -5.37 -3.12
N ASP A 96 -15.26 -6.61 -3.36
CA ASP A 96 -15.04 -7.54 -2.25
C ASP A 96 -14.03 -7.00 -1.25
N ALA A 97 -13.03 -6.28 -1.73
CA ALA A 97 -11.97 -5.74 -0.88
C ALA A 97 -12.46 -4.66 0.08
N VAL A 98 -13.54 -3.97 -0.29
CA VAL A 98 -14.10 -2.92 0.54
C VAL A 98 -15.43 -3.34 1.19
N ARG A 99 -15.69 -4.65 1.25
CA ARG A 99 -16.87 -5.14 1.95
CA ARG A 99 -16.88 -5.13 1.95
C ARG A 99 -16.47 -5.58 3.35
N TYR A 100 -17.18 -5.09 4.35
CA TYR A 100 -16.88 -5.42 5.73
C TYR A 100 -18.17 -5.71 6.47
N ASN A 101 -18.26 -6.90 7.06
CA ASN A 101 -19.51 -7.38 7.66
C ASN A 101 -20.71 -7.19 6.74
N GLY A 102 -20.56 -7.56 5.47
CA GLY A 102 -21.66 -7.51 4.53
C GLY A 102 -21.97 -6.15 3.94
N LYS A 103 -21.20 -5.14 4.33
CA LYS A 103 -21.51 -3.77 3.90
C LYS A 103 -20.36 -3.15 3.13
N LEU A 104 -20.68 -2.39 2.09
CA LEU A 104 -19.65 -1.63 1.39
C LEU A 104 -19.27 -0.40 2.21
N ILE A 105 -17.98 -0.29 2.51
CA ILE A 105 -17.50 0.80 3.37
C ILE A 105 -16.48 1.75 2.72
N ALA A 106 -16.33 1.64 1.40
CA ALA A 106 -15.47 2.57 0.64
C ALA A 106 -15.63 2.32 -0.85
N TYR A 107 -15.22 3.29 -1.65
CA TYR A 107 -15.14 3.14 -3.10
C TYR A 107 -13.77 2.67 -3.52
N PRO A 108 -13.71 1.53 -4.21
CA PRO A 108 -12.41 1.07 -4.72
C PRO A 108 -11.91 2.00 -5.83
N ILE A 109 -10.61 2.26 -5.85
CA ILE A 109 -9.99 3.11 -6.87
C ILE A 109 -9.03 2.33 -7.78
N ALA A 110 -8.05 1.62 -7.19
CA ALA A 110 -7.03 0.98 -8.01
C ALA A 110 -6.35 -0.16 -7.27
N VAL A 111 -5.82 -1.11 -8.03
CA VAL A 111 -5.12 -2.27 -7.47
C VAL A 111 -3.62 -2.02 -7.52
N GLU A 112 -2.98 -2.12 -6.35
CA GLU A 112 -1.56 -1.83 -6.14
C GLU A 112 -0.82 -3.13 -5.84
N ALA A 113 0.26 -3.42 -6.58
CA ALA A 113 1.17 -4.49 -6.17
C ALA A 113 2.58 -4.03 -6.46
N LEU A 114 3.51 -4.43 -5.61
CA LEU A 114 4.93 -4.15 -5.81
C LEU A 114 5.51 -4.95 -6.98
N SER A 115 6.45 -4.35 -7.68
CA SER A 115 7.22 -5.03 -8.73
C SER A 115 8.71 -4.75 -8.56
N LEU A 116 9.53 -5.54 -9.24
CA LEU A 116 10.96 -5.26 -9.34
C LEU A 116 11.16 -4.22 -10.44
N ILE A 117 11.80 -3.11 -10.07
CA ILE A 117 12.12 -2.03 -11.02
C ILE A 117 13.64 -2.05 -11.23
N TYR A 118 14.09 -2.03 -12.48
CA TYR A 118 15.53 -2.16 -12.75
C TYR A 118 16.04 -1.17 -13.79
N ASN A 119 17.30 -0.81 -13.66
CA ASN A 119 17.97 0.11 -14.58
C ASN A 119 18.56 -0.69 -15.74
N LYS A 120 17.97 -0.52 -16.92
CA LYS A 120 18.31 -1.34 -18.09
C LYS A 120 19.73 -1.07 -18.60
N ASP A 121 20.28 0.08 -18.26
CA ASP A 121 21.67 0.38 -18.63
C ASP A 121 22.73 -0.21 -17.69
N LEU A 122 22.35 -0.60 -16.47
CA LEU A 122 23.26 -1.31 -15.57
C LEU A 122 23.00 -2.81 -15.58
N LEU A 123 21.78 -3.18 -15.93
CA LEU A 123 21.34 -4.54 -15.75
C LEU A 123 20.29 -4.86 -16.80
N PRO A 124 20.75 -5.18 -18.02
CA PRO A 124 19.81 -5.39 -19.14
C PRO A 124 18.94 -6.64 -18.93
N ASN A 125 19.46 -7.62 -18.19
CA ASN A 125 18.68 -8.82 -17.82
C ASN A 125 18.62 -8.98 -16.30
N PRO A 126 17.52 -8.53 -15.70
CA PRO A 126 17.43 -8.54 -14.24
C PRO A 126 17.38 -9.96 -13.69
N PRO A 127 17.82 -10.15 -12.44
CA PRO A 127 17.87 -11.47 -11.83
C PRO A 127 16.48 -12.01 -11.60
N LYS A 128 16.33 -13.31 -11.83
CA LYS A 128 15.08 -14.00 -11.63
C LYS A 128 14.97 -14.54 -10.20
N THR A 129 16.07 -14.57 -9.46
CA THR A 129 16.08 -15.13 -8.11
C THR A 129 16.70 -14.18 -7.08
N TRP A 130 16.23 -14.27 -5.85
CA TRP A 130 16.85 -13.52 -4.75
C TRP A 130 18.28 -14.03 -4.51
N GLU A 131 18.46 -15.34 -4.70
CA GLU A 131 19.72 -16.00 -4.36
C GLU A 131 20.91 -15.44 -5.14
N GLU A 132 20.67 -14.94 -6.35
CA GLU A 132 21.79 -14.44 -7.16
C GLU A 132 22.16 -12.98 -6.83
N ILE A 133 21.37 -12.33 -5.97
CA ILE A 133 21.63 -10.92 -5.68
C ILE A 133 22.95 -10.59 -4.96
N PRO A 134 23.33 -11.39 -3.96
CA PRO A 134 24.63 -11.16 -3.32
C PRO A 134 25.80 -11.12 -4.31
N ALA A 135 25.87 -12.09 -5.22
CA ALA A 135 26.97 -12.10 -6.19
C ALA A 135 26.90 -10.90 -7.14
N LEU A 136 25.68 -10.52 -7.52
CA LEU A 136 25.49 -9.34 -8.37
CA LEU A 136 25.51 -9.34 -8.37
C LEU A 136 26.00 -8.08 -7.68
N ASP A 137 25.64 -7.93 -6.41
CA ASP A 137 26.07 -6.77 -5.66
C ASP A 137 27.58 -6.74 -5.51
N LYS A 138 28.19 -7.89 -5.26
CA LYS A 138 29.64 -7.96 -5.15
CA LYS A 138 29.65 -7.97 -5.15
C LYS A 138 30.31 -7.43 -6.42
N GLU A 139 29.81 -7.86 -7.57
CA GLU A 139 30.35 -7.41 -8.85
C GLU A 139 30.16 -5.90 -9.05
N LEU A 140 28.98 -5.40 -8.74
CA LEU A 140 28.69 -3.98 -8.94
C LEU A 140 29.44 -3.07 -7.96
N LYS A 141 29.60 -3.51 -6.72
CA LYS A 141 30.30 -2.72 -5.72
C LYS A 141 31.74 -2.42 -6.13
N ALA A 142 32.37 -3.38 -6.80
CA ALA A 142 33.75 -3.20 -7.24
C ALA A 142 33.83 -2.04 -8.23
N LYS A 143 32.70 -1.70 -8.84
CA LYS A 143 32.66 -0.63 -9.84
C LYS A 143 31.90 0.60 -9.36
N GLY A 144 31.61 0.66 -8.06
CA GLY A 144 31.05 1.84 -7.44
C GLY A 144 29.53 1.93 -7.49
N LYS A 145 28.87 0.81 -7.75
CA LYS A 145 27.41 0.76 -7.77
C LYS A 145 26.90 -0.30 -6.79
N SER A 146 25.60 -0.30 -6.51
CA SER A 146 25.03 -1.40 -5.75
C SER A 146 23.93 -2.09 -6.56
N ALA A 147 23.56 -3.30 -6.14
CA ALA A 147 22.51 -4.07 -6.82
C ALA A 147 21.08 -3.62 -6.53
N LEU A 148 20.75 -3.43 -5.25
CA LEU A 148 19.37 -3.30 -4.86
C LEU A 148 19.22 -2.38 -3.65
N MET A 149 18.27 -1.46 -3.72
CA MET A 149 17.90 -0.66 -2.56
C MET A 149 16.40 -0.48 -2.54
N PHE A 150 15.79 -0.76 -1.40
CA PHE A 150 14.37 -0.51 -1.21
C PHE A 150 14.08 -0.14 0.25
N ASN A 151 12.87 0.35 0.51
CA ASN A 151 12.49 0.81 1.85
C ASN A 151 12.48 -0.34 2.87
N LEU A 152 13.41 -0.31 3.82
CA LEU A 152 13.45 -1.33 4.86
C LEU A 152 12.73 -0.91 6.14
N GLN A 153 12.07 0.25 6.12
CA GLN A 153 11.38 0.75 7.31
C GLN A 153 9.90 0.41 7.35
N GLU A 154 9.33 0.03 6.21
CA GLU A 154 7.92 -0.38 6.13
C GLU A 154 7.85 -1.83 5.70
N PRO A 155 7.20 -2.68 6.52
CA PRO A 155 7.22 -4.12 6.20
C PRO A 155 6.49 -4.51 4.91
N TYR A 156 5.64 -3.64 4.39
CA TYR A 156 5.05 -3.84 3.07
C TYR A 156 6.09 -4.29 2.02
N PHE A 157 7.29 -3.72 2.09
CA PHE A 157 8.28 -3.94 1.04
C PHE A 157 9.07 -5.23 1.21
N THR A 158 9.16 -5.74 2.45
CA THR A 158 9.85 -6.99 2.75
C THR A 158 8.89 -8.18 2.77
N TRP A 159 7.61 -7.91 2.95
CA TRP A 159 6.60 -8.98 2.96
C TRP A 159 6.66 -9.97 1.78
N PRO A 160 6.87 -9.48 0.54
CA PRO A 160 6.86 -10.45 -0.57
C PRO A 160 7.89 -11.57 -0.37
N LEU A 161 9.03 -11.22 0.22
CA LEU A 161 10.11 -12.19 0.47
C LEU A 161 9.78 -13.09 1.67
N ILE A 162 9.19 -12.51 2.71
CA ILE A 162 8.76 -13.29 3.89
C ILE A 162 7.72 -14.34 3.51
N ALA A 163 6.81 -13.96 2.63
CA ALA A 163 5.71 -14.84 2.23
C ALA A 163 6.10 -15.89 1.21
N ALA A 164 7.20 -15.66 0.48
CA ALA A 164 7.54 -16.50 -0.67
C ALA A 164 7.56 -17.99 -0.34
N ASP A 165 8.33 -18.35 0.67
CA ASP A 165 8.50 -19.77 1.03
C ASP A 165 7.52 -20.24 2.11
N GLY A 166 6.53 -19.43 2.45
CA GLY A 166 5.48 -19.93 3.32
C GLY A 166 4.93 -19.04 4.41
N GLY A 167 5.53 -17.87 4.61
CA GLY A 167 4.98 -16.92 5.57
C GLY A 167 3.57 -16.52 5.18
N TYR A 168 2.71 -16.28 6.16
CA TYR A 168 1.38 -15.71 5.89
C TYR A 168 0.90 -14.92 7.10
N ALA A 169 -0.12 -14.11 6.88
CA ALA A 169 -0.66 -13.31 7.96
C ALA A 169 -1.70 -14.15 8.71
N PHE A 170 -2.93 -14.16 8.23
CA PHE A 170 -4.00 -14.91 8.89
C PHE A 170 -4.52 -16.00 7.97
N LYS A 171 -4.70 -17.21 8.51
CA LYS A 171 -5.29 -18.29 7.72
C LYS A 171 -6.75 -17.97 7.46
N TYR A 172 -7.15 -18.05 6.20
CA TYR A 172 -8.55 -17.87 5.84
C TYR A 172 -9.18 -19.22 5.58
N GLU A 173 -10.32 -19.47 6.20
CA GLU A 173 -10.98 -20.74 6.03
C GLU A 173 -12.47 -20.53 6.29
N ASN A 174 -13.29 -20.95 5.34
CA ASN A 174 -14.73 -21.03 5.55
C ASN A 174 -15.38 -19.72 5.99
N GLY A 175 -15.06 -18.65 5.27
CA GLY A 175 -15.74 -17.40 5.49
C GLY A 175 -15.17 -16.60 6.64
N LYS A 176 -14.08 -17.09 7.23
CA LYS A 176 -13.44 -16.32 8.28
C LYS A 176 -11.92 -16.42 8.32
N TYR A 177 -11.30 -15.30 8.62
CA TYR A 177 -9.89 -15.28 8.98
C TYR A 177 -9.80 -15.69 10.46
N ASP A 178 -8.92 -16.63 10.75
CA ASP A 178 -8.73 -17.14 12.10
C ASP A 178 -7.53 -16.44 12.70
N ILE A 179 -7.77 -15.53 13.64
CA ILE A 179 -6.69 -14.73 14.19
C ILE A 179 -5.74 -15.53 15.06
N LYS A 180 -6.15 -16.74 15.44
CA LYS A 180 -5.26 -17.63 16.18
C LYS A 180 -4.32 -18.43 15.28
N ASP A 181 -4.57 -18.42 13.97
CA ASP A 181 -3.72 -19.10 13.01
C ASP A 181 -2.94 -18.09 12.17
N VAL A 182 -1.76 -17.77 12.67
CA VAL A 182 -0.90 -16.75 12.06
C VAL A 182 0.40 -17.41 11.56
N GLY A 183 0.92 -16.90 10.45
CA GLY A 183 2.04 -17.56 9.80
C GLY A 183 3.28 -16.70 9.73
N VAL A 184 3.52 -15.89 10.75
CA VAL A 184 4.68 -14.98 10.71
C VAL A 184 5.96 -15.58 11.30
N ASP A 185 5.84 -16.69 12.03
CA ASP A 185 6.97 -17.31 12.70
CA ASP A 185 7.04 -17.29 12.60
C ASP A 185 7.21 -18.74 12.21
N ASN A 186 6.71 -19.09 11.04
CA ASN A 186 6.92 -20.42 10.49
C ASN A 186 8.25 -20.52 9.73
N ALA A 187 8.59 -21.70 9.24
CA ALA A 187 9.90 -21.88 8.63
C ALA A 187 10.07 -20.98 7.40
N GLY A 188 9.00 -20.78 6.64
CA GLY A 188 9.07 -19.94 5.45
C GLY A 188 9.33 -18.49 5.77
N ALA A 189 8.62 -17.97 6.78
CA ALA A 189 8.84 -16.58 7.21
C ALA A 189 10.26 -16.41 7.75
N LYS A 190 10.72 -17.34 8.58
CA LYS A 190 12.09 -17.29 9.08
C LYS A 190 13.12 -17.32 7.95
N ALA A 191 12.91 -18.21 6.97
CA ALA A 191 13.84 -18.30 5.84
C ALA A 191 13.96 -16.97 5.09
N GLY A 192 12.83 -16.34 4.80
CA GLY A 192 12.83 -15.09 4.05
C GLY A 192 13.48 -13.95 4.81
N LEU A 193 13.13 -13.79 6.08
CA LEU A 193 13.71 -12.68 6.85
C LEU A 193 15.21 -12.94 7.10
N THR A 194 15.58 -14.19 7.32
CA THR A 194 17.00 -14.53 7.46
C THR A 194 17.79 -14.13 6.19
N PHE A 195 17.22 -14.37 5.03
CA PHE A 195 17.89 -14.00 3.79
C PHE A 195 18.11 -12.48 3.71
N LEU A 196 17.09 -11.70 4.08
CA LEU A 196 17.20 -10.24 4.12
C LEU A 196 18.26 -9.79 5.13
N VAL A 197 18.21 -10.36 6.33
CA VAL A 197 19.18 -9.99 7.35
C VAL A 197 20.62 -10.33 6.89
N ASP A 198 20.79 -11.47 6.22
CA ASP A 198 22.11 -11.84 5.71
C ASP A 198 22.56 -10.84 4.62
N LEU A 199 21.62 -10.35 3.82
CA LEU A 199 21.98 -9.35 2.82
C LEU A 199 22.57 -8.13 3.50
N ILE A 200 21.95 -7.72 4.61
CA ILE A 200 22.39 -6.55 5.34
C ILE A 200 23.73 -6.80 6.03
N LYS A 201 23.85 -7.92 6.73
CA LYS A 201 25.09 -8.26 7.42
C LYS A 201 26.28 -8.41 6.47
N ASN A 202 26.02 -8.83 5.23
CA ASN A 202 27.07 -8.96 4.23
C ASN A 202 27.26 -7.67 3.40
N LYS A 203 26.68 -6.57 3.89
CA LYS A 203 26.89 -5.25 3.30
C LYS A 203 26.34 -5.12 1.88
N HIS A 204 25.33 -5.92 1.55
CA HIS A 204 24.62 -5.71 0.28
C HIS A 204 23.44 -4.74 0.39
N MET A 205 22.99 -4.50 1.61
CA MET A 205 21.97 -3.47 1.87
C MET A 205 22.28 -2.84 3.23
N ASN A 206 21.68 -1.68 3.48
CA ASN A 206 21.88 -0.95 4.72
C ASN A 206 20.58 -0.90 5.50
N ALA A 207 20.61 -1.27 6.78
CA ALA A 207 19.38 -1.34 7.56
C ALA A 207 18.62 -0.02 7.68
N ASP A 208 19.32 1.09 7.48
CA ASP A 208 18.72 2.42 7.63
C ASP A 208 18.04 2.91 6.36
N THR A 209 18.14 2.16 5.28
CA THR A 209 17.54 2.61 4.00
C THR A 209 16.03 2.76 4.16
N ASP A 210 15.52 3.93 3.79
CA ASP A 210 14.09 4.22 3.83
C ASP A 210 13.59 4.56 2.43
N TYR A 211 12.33 5.01 2.34
CA TYR A 211 11.71 5.23 1.03
C TYR A 211 12.48 6.27 0.24
N SER A 212 12.76 7.41 0.88
CA SER A 212 13.40 8.51 0.19
CA SER A 212 13.41 8.51 0.18
C SER A 212 14.82 8.18 -0.23
N ILE A 213 15.57 7.52 0.65
CA ILE A 213 16.96 7.12 0.33
C ILE A 213 17.00 6.18 -0.89
N ALA A 214 16.15 5.17 -0.89
CA ALA A 214 16.09 4.21 -2.00
C ALA A 214 15.66 4.86 -3.32
N GLU A 215 14.62 5.69 -3.26
CA GLU A 215 14.14 6.39 -4.46
C GLU A 215 15.21 7.32 -5.03
N ALA A 216 15.85 8.09 -4.16
CA ALA A 216 16.92 8.99 -4.62
C ALA A 216 18.08 8.22 -5.24
N ALA A 217 18.48 7.10 -4.62
CA ALA A 217 19.59 6.33 -5.15
C ALA A 217 19.25 5.70 -6.51
N PHE A 218 18.07 5.12 -6.63
CA PHE A 218 17.70 4.51 -7.91
C PHE A 218 17.61 5.58 -9.00
N ASN A 219 16.99 6.70 -8.66
CA ASN A 219 16.72 7.71 -9.68
C ASN A 219 17.98 8.49 -10.08
N LYS A 220 19.01 8.40 -9.24
CA LYS A 220 20.33 8.98 -9.59
C LYS A 220 21.22 7.97 -10.32
N GLY A 221 20.77 6.72 -10.41
CA GLY A 221 21.53 5.69 -11.09
C GLY A 221 22.64 5.08 -10.27
N GLU A 222 22.51 5.15 -8.94
CA GLU A 222 23.52 4.61 -8.02
C GLU A 222 23.31 3.14 -7.68
N THR A 223 22.07 2.68 -7.83
CA THR A 223 21.71 1.29 -7.54
C THR A 223 20.95 0.72 -8.75
N ALA A 224 21.18 -0.56 -9.05
CA ALA A 224 20.66 -1.16 -10.28
C ALA A 224 19.18 -1.56 -10.19
N MET A 225 18.66 -1.72 -8.98
CA MET A 225 17.29 -2.21 -8.77
C MET A 225 16.65 -1.58 -7.57
N THR A 226 15.33 -1.49 -7.61
CA THR A 226 14.54 -1.13 -6.45
C THR A 226 13.25 -1.94 -6.45
N ILE A 227 12.48 -1.86 -5.36
CA ILE A 227 11.18 -2.51 -5.27
C ILE A 227 10.19 -1.43 -4.91
N ASN A 228 9.18 -1.24 -5.75
CA ASN A 228 8.22 -0.17 -5.49
C ASN A 228 6.95 -0.39 -6.28
N GLY A 229 5.96 0.48 -6.05
CA GLY A 229 4.67 0.37 -6.71
C GLY A 229 4.51 1.37 -7.84
N PRO A 230 3.35 1.34 -8.50
CA PRO A 230 3.14 2.13 -9.71
C PRO A 230 3.28 3.63 -9.47
N TRP A 231 2.96 4.10 -8.27
CA TRP A 231 3.05 5.54 -7.97
C TRP A 231 4.47 6.08 -8.20
N ALA A 232 5.48 5.21 -8.08
CA ALA A 232 6.87 5.65 -8.18
C ALA A 232 7.33 5.86 -9.62
N TRP A 233 6.57 5.37 -10.61
CA TRP A 233 7.05 5.40 -11.99
C TRP A 233 7.22 6.84 -12.52
N SER A 234 6.36 7.76 -12.06
CA SER A 234 6.42 9.14 -12.53
CA SER A 234 6.42 9.15 -12.50
C SER A 234 7.79 9.79 -12.27
N ASN A 235 8.29 9.67 -11.04
CA ASN A 235 9.60 10.26 -10.75
C ASN A 235 10.74 9.59 -11.53
N ILE A 236 10.62 8.29 -11.81
CA ILE A 236 11.64 7.63 -12.64
C ILE A 236 11.59 8.14 -14.10
N ASP A 237 10.38 8.38 -14.59
CA ASP A 237 10.24 9.00 -15.91
C ASP A 237 11.00 10.32 -15.97
N THR A 238 10.84 11.15 -14.93
CA THR A 238 11.54 12.44 -14.87
C THR A 238 13.07 12.25 -14.80
N SER A 239 13.52 11.23 -14.08
CA SER A 239 14.94 10.95 -13.90
C SER A 239 15.62 10.61 -15.22
N LYS A 240 16.94 10.51 -15.19
CA LYS A 240 17.68 10.11 -16.37
C LYS A 240 17.72 8.60 -16.62
N VAL A 241 17.01 7.84 -15.78
CA VAL A 241 17.13 6.39 -15.82
C VAL A 241 16.19 5.68 -16.80
N ASN A 242 16.76 4.83 -17.64
CA ASN A 242 16.01 3.94 -18.52
CA ASN A 242 15.98 3.96 -18.50
C ASN A 242 15.64 2.70 -17.72
N TYR A 243 14.37 2.54 -17.40
CA TYR A 243 13.97 1.48 -16.48
C TYR A 243 12.98 0.49 -17.05
N GLY A 244 12.96 -0.69 -16.44
CA GLY A 244 11.95 -1.69 -16.71
C GLY A 244 11.23 -2.05 -15.42
N VAL A 245 10.08 -2.69 -15.56
CA VAL A 245 9.25 -3.12 -14.43
C VAL A 245 8.91 -4.60 -14.67
N THR A 246 9.24 -5.45 -13.71
CA THR A 246 9.16 -6.89 -13.98
C THR A 246 8.73 -7.71 -12.77
N VAL A 247 8.57 -9.01 -12.98
CA VAL A 247 8.24 -9.90 -11.89
C VAL A 247 9.31 -9.87 -10.79
N LEU A 248 8.86 -9.91 -9.52
CA LEU A 248 9.77 -10.00 -8.38
C LEU A 248 10.60 -11.28 -8.46
N PRO A 249 11.79 -11.25 -7.87
CA PRO A 249 12.63 -12.46 -7.91
C PRO A 249 11.97 -13.58 -7.09
N THR A 250 12.27 -14.82 -7.45
CA THR A 250 11.82 -15.97 -6.68
C THR A 250 12.74 -16.20 -5.47
N PHE A 251 12.24 -16.93 -4.48
CA PHE A 251 13.06 -17.32 -3.33
C PHE A 251 12.80 -18.80 -3.07
N LYS A 252 13.87 -19.58 -2.99
CA LYS A 252 13.77 -21.04 -2.90
C LYS A 252 12.85 -21.61 -3.99
N GLY A 253 12.87 -20.96 -5.15
CA GLY A 253 12.10 -21.41 -6.29
C GLY A 253 10.64 -20.97 -6.29
N GLN A 254 10.20 -20.32 -5.22
CA GLN A 254 8.81 -19.88 -5.13
CA GLN A 254 8.82 -19.87 -5.08
C GLN A 254 8.67 -18.41 -5.47
N PRO A 255 7.55 -18.04 -6.10
CA PRO A 255 7.39 -16.61 -6.41
C PRO A 255 7.34 -15.76 -5.15
N SER A 256 7.89 -14.54 -5.20
CA SER A 256 7.61 -13.57 -4.15
C SER A 256 6.12 -13.26 -4.15
N LYS A 257 5.55 -13.07 -2.97
CA LYS A 257 4.10 -12.97 -2.85
C LYS A 257 3.72 -11.65 -2.21
N PRO A 258 3.65 -10.57 -2.99
CA PRO A 258 3.34 -9.27 -2.37
C PRO A 258 1.91 -9.23 -1.87
N PHE A 259 1.70 -8.46 -0.81
CA PHE A 259 0.35 -8.27 -0.31
C PHE A 259 -0.25 -7.17 -1.18
N VAL A 260 -1.39 -7.48 -1.79
CA VAL A 260 -2.04 -6.60 -2.76
C VAL A 260 -3.04 -5.66 -2.08
N GLY A 261 -2.89 -4.35 -2.31
CA GLY A 261 -3.81 -3.37 -1.77
C GLY A 261 -4.75 -2.83 -2.84
N VAL A 262 -5.98 -2.54 -2.44
CA VAL A 262 -6.91 -1.79 -3.28
C VAL A 262 -7.00 -0.38 -2.70
N LEU A 263 -6.38 0.60 -3.37
CA LEU A 263 -6.48 1.99 -2.93
C LEU A 263 -7.95 2.32 -2.97
N SER A 264 -8.48 2.81 -1.86
CA SER A 264 -9.90 3.03 -1.73
C SER A 264 -10.21 4.37 -1.09
N ALA A 265 -11.42 4.86 -1.34
CA ALA A 265 -11.88 6.15 -0.78
C ALA A 265 -13.02 5.95 0.19
N GLY A 266 -12.77 6.18 1.49
CA GLY A 266 -13.78 6.05 2.52
C GLY A 266 -14.34 7.41 2.91
N ILE A 267 -15.59 7.44 3.32
CA ILE A 267 -16.29 8.65 3.74
C ILE A 267 -16.41 8.66 5.26
N ASN A 268 -15.93 9.73 5.88
CA ASN A 268 -15.94 9.86 7.33
C ASN A 268 -17.37 9.77 7.85
N ALA A 269 -17.61 8.86 8.81
CA ALA A 269 -18.95 8.66 9.34
C ALA A 269 -19.53 9.90 10.03
N ALA A 270 -18.69 10.88 10.34
CA ALA A 270 -19.13 12.13 10.97
C ALA A 270 -19.34 13.26 9.98
N SER A 271 -19.08 13.01 8.70
CA SER A 271 -19.17 14.08 7.70
C SER A 271 -20.61 14.52 7.50
N PRO A 272 -20.85 15.85 7.44
CA PRO A 272 -22.19 16.32 7.10
C PRO A 272 -22.38 16.40 5.60
N ASN A 273 -21.40 15.91 4.85
CA ASN A 273 -21.34 16.07 3.39
C ASN A 273 -21.30 14.73 2.68
N LYS A 274 -21.95 13.70 3.23
CA LYS A 274 -21.90 12.37 2.63
CA LYS A 274 -21.87 12.37 2.63
C LYS A 274 -22.46 12.31 1.22
N GLU A 275 -23.53 13.07 0.97
CA GLU A 275 -24.14 13.16 -0.35
C GLU A 275 -23.21 13.87 -1.32
N LEU A 276 -22.55 14.93 -0.88
CA LEU A 276 -21.55 15.61 -1.72
C LEU A 276 -20.37 14.69 -2.06
N ALA A 277 -19.91 13.92 -1.08
CA ALA A 277 -18.81 13.00 -1.29
C ALA A 277 -19.20 11.93 -2.30
N LYS A 278 -20.43 11.41 -2.19
CA LYS A 278 -20.93 10.44 -3.15
C LYS A 278 -20.91 11.00 -4.58
N GLU A 279 -21.41 12.23 -4.74
CA GLU A 279 -21.47 12.87 -6.04
C GLU A 279 -20.07 13.07 -6.61
N PHE A 280 -19.16 13.55 -5.76
CA PHE A 280 -17.77 13.71 -6.19
C PHE A 280 -17.12 12.38 -6.60
N LEU A 281 -17.25 11.35 -5.76
CA LEU A 281 -16.55 10.11 -6.05
C LEU A 281 -17.14 9.36 -7.25
N GLU A 282 -18.48 9.30 -7.34
CA GLU A 282 -19.11 8.53 -8.42
C GLU A 282 -19.11 9.26 -9.76
N ASN A 283 -19.32 10.57 -9.74
CA ASN A 283 -19.55 11.30 -10.98
C ASN A 283 -18.40 12.15 -11.47
N TYR A 284 -17.39 12.34 -10.62
CA TYR A 284 -16.20 13.09 -11.00
C TYR A 284 -14.92 12.26 -10.97
N LEU A 285 -14.64 11.59 -9.85
CA LEU A 285 -13.38 10.85 -9.78
C LEU A 285 -13.41 9.52 -10.52
N LEU A 286 -14.41 8.68 -10.25
CA LEU A 286 -14.49 7.37 -10.88
C LEU A 286 -15.08 7.44 -12.31
N THR A 287 -14.42 8.23 -13.13
CA THR A 287 -14.74 8.37 -14.55
C THR A 287 -13.41 8.30 -15.30
N ASP A 288 -13.44 8.07 -16.61
CA ASP A 288 -12.19 8.07 -17.37
C ASP A 288 -11.44 9.38 -17.20
N GLU A 289 -12.16 10.49 -17.30
CA GLU A 289 -11.53 11.79 -17.16
C GLU A 289 -10.91 12.03 -15.77
N GLY A 290 -11.60 11.60 -14.72
CA GLY A 290 -11.12 11.81 -13.37
C GLY A 290 -9.90 10.97 -13.04
N LEU A 291 -9.97 9.68 -13.36
CA LEU A 291 -8.82 8.81 -13.13
C LEU A 291 -7.62 9.18 -13.98
N GLU A 292 -7.86 9.61 -15.22
CA GLU A 292 -6.78 10.10 -16.05
C GLU A 292 -6.02 11.25 -15.39
N ALA A 293 -6.77 12.21 -14.84
CA ALA A 293 -6.13 13.34 -14.17
C ALA A 293 -5.21 12.91 -13.01
N VAL A 294 -5.67 11.96 -12.19
CA VAL A 294 -4.84 11.43 -11.11
C VAL A 294 -3.67 10.57 -11.64
N ASN A 295 -3.98 9.69 -12.58
CA ASN A 295 -3.00 8.75 -13.13
C ASN A 295 -1.85 9.48 -13.84
N LYS A 296 -2.16 10.58 -14.51
CA LYS A 296 -1.14 11.37 -15.20
C LYS A 296 -0.17 12.02 -14.22
N ASP A 297 -0.64 12.25 -13.00
CA ASP A 297 0.20 12.79 -11.95
C ASP A 297 1.10 11.70 -11.37
N LYS A 298 0.50 10.67 -10.79
CA LYS A 298 1.23 9.50 -10.30
C LYS A 298 0.39 8.27 -10.66
N PRO A 299 0.98 7.29 -11.35
CA PRO A 299 0.17 6.13 -11.78
C PRO A 299 -0.50 5.41 -10.62
N LEU A 300 -1.77 5.05 -10.83
CA LEU A 300 -2.59 4.39 -9.83
C LEU A 300 -2.37 2.87 -9.72
N GLY A 301 -1.86 2.27 -10.80
CA GLY A 301 -1.83 0.82 -10.94
C GLY A 301 -2.96 0.35 -11.84
N ALA A 302 -3.52 -0.83 -11.57
CA ALA A 302 -4.63 -1.32 -12.38
C ALA A 302 -5.96 -0.83 -11.81
N VAL A 303 -6.58 0.12 -12.50
CA VAL A 303 -7.70 0.82 -11.88
C VAL A 303 -8.95 -0.07 -11.77
N ALA A 304 -9.80 0.24 -10.80
CA ALA A 304 -11.01 -0.55 -10.56
C ALA A 304 -12.06 -0.31 -11.65
N LEU A 305 -11.99 0.85 -12.29
CA LEU A 305 -12.97 1.25 -13.30
C LEU A 305 -12.65 0.52 -14.60
N LYS A 306 -13.54 -0.39 -15.01
CA LYS A 306 -13.31 -1.25 -16.16
C LYS A 306 -12.97 -0.49 -17.43
N SER A 307 -13.73 0.57 -17.70
CA SER A 307 -13.57 1.31 -18.95
C SER A 307 -12.16 1.93 -19.08
N TYR A 308 -11.63 2.43 -17.97
CA TYR A 308 -10.31 3.06 -18.03
C TYR A 308 -9.19 2.02 -17.92
N GLU A 309 -9.41 0.95 -17.17
CA GLU A 309 -8.40 -0.11 -17.10
C GLU A 309 -8.11 -0.68 -18.47
N GLU A 310 -9.11 -0.72 -19.34
CA GLU A 310 -8.91 -1.25 -20.68
C GLU A 310 -7.88 -0.39 -21.42
N GLU A 311 -7.85 0.90 -21.14
CA GLU A 311 -6.83 1.76 -21.73
C GLU A 311 -5.46 1.55 -21.07
N LEU A 312 -5.44 1.50 -19.75
CA LEU A 312 -4.16 1.41 -19.03
C LEU A 312 -3.47 0.07 -19.21
N ALA A 313 -4.23 -0.97 -19.57
CA ALA A 313 -3.69 -2.32 -19.70
C ALA A 313 -2.67 -2.48 -20.83
N LYS A 314 -2.65 -1.53 -21.78
CA LYS A 314 -1.70 -1.54 -22.90
C LYS A 314 -0.30 -1.03 -22.50
N ASP A 315 0.35 -1.74 -21.58
CA ASP A 315 1.51 -1.21 -20.89
C ASP A 315 2.19 -2.36 -20.18
N PRO A 316 3.44 -2.67 -20.55
CA PRO A 316 4.08 -3.83 -19.93
C PRO A 316 4.26 -3.63 -18.44
N ARG A 317 4.29 -2.39 -17.96
CA ARG A 317 4.48 -2.13 -16.53
C ARG A 317 3.23 -2.55 -15.77
N ILE A 318 2.06 -2.33 -16.37
CA ILE A 318 0.80 -2.78 -15.78
C ILE A 318 0.68 -4.30 -15.89
N ALA A 319 1.16 -4.87 -17.00
CA ALA A 319 1.19 -6.32 -17.12
C ALA A 319 2.03 -6.93 -15.97
N ALA A 320 3.19 -6.34 -15.70
CA ALA A 320 4.04 -6.79 -14.59
C ALA A 320 3.36 -6.62 -13.23
N THR A 321 2.71 -5.48 -13.04
CA THR A 321 1.98 -5.24 -11.79
C THR A 321 0.95 -6.35 -11.57
N MET A 322 0.19 -6.69 -12.62
CA MET A 322 -0.82 -7.75 -12.56
CA MET A 322 -0.82 -7.73 -12.50
C MET A 322 -0.22 -9.13 -12.33
N GLU A 323 0.91 -9.41 -12.95
CA GLU A 323 1.59 -10.69 -12.76
C GLU A 323 2.00 -10.84 -11.29
N ASN A 324 2.58 -9.78 -10.73
CA ASN A 324 2.96 -9.81 -9.32
C ASN A 324 1.73 -9.89 -8.41
N ALA A 325 0.66 -9.19 -8.77
CA ALA A 325 -0.56 -9.22 -7.96
C ALA A 325 -1.16 -10.63 -7.94
N GLN A 326 -1.16 -11.30 -9.08
CA GLN A 326 -1.74 -12.65 -9.14
C GLN A 326 -0.91 -13.68 -8.36
N LYS A 327 0.40 -13.44 -8.22
CA LYS A 327 1.27 -14.34 -7.45
C LYS A 327 1.16 -14.10 -5.94
N GLY A 328 0.73 -12.90 -5.57
CA GLY A 328 0.50 -12.57 -4.17
C GLY A 328 -0.93 -12.78 -3.74
N GLU A 329 -1.34 -12.05 -2.69
CA GLU A 329 -2.66 -12.21 -2.08
C GLU A 329 -3.24 -10.85 -1.76
N ILE A 330 -4.55 -10.71 -1.97
CA ILE A 330 -5.25 -9.50 -1.54
C ILE A 330 -5.24 -9.45 -0.02
N MET A 331 -4.85 -8.32 0.54
CA MET A 331 -4.79 -8.18 2.00
C MET A 331 -6.17 -8.39 2.65
N PRO A 332 -6.19 -9.01 3.83
CA PRO A 332 -7.43 -9.00 4.62
C PRO A 332 -7.74 -7.55 5.00
N ASN A 333 -9.00 -7.27 5.35
CA ASN A 333 -9.34 -5.93 5.83
C ASN A 333 -9.82 -5.93 7.28
N ILE A 334 -9.56 -7.05 7.98
CA ILE A 334 -10.03 -7.21 9.36
C ILE A 334 -9.32 -6.28 10.33
N PRO A 335 -9.99 -5.92 11.44
CA PRO A 335 -9.39 -4.96 12.37
C PRO A 335 -8.03 -5.39 12.86
N GLN A 336 -7.78 -6.70 12.90
CA GLN A 336 -6.51 -7.24 13.40
CA GLN A 336 -6.52 -7.23 13.40
C GLN A 336 -5.32 -6.88 12.50
N MET A 337 -5.58 -6.36 11.31
CA MET A 337 -4.49 -6.00 10.41
C MET A 337 -3.56 -4.94 10.96
N SER A 338 -4.09 -3.99 11.74
CA SER A 338 -3.25 -2.96 12.32
C SER A 338 -2.21 -3.59 13.26
N ALA A 339 -2.64 -4.52 14.09
CA ALA A 339 -1.74 -5.21 15.02
C ALA A 339 -0.70 -6.04 14.27
N PHE A 340 -1.16 -6.73 13.23
CA PHE A 340 -0.28 -7.50 12.38
C PHE A 340 0.84 -6.63 11.80
N TRP A 341 0.46 -5.50 11.19
CA TRP A 341 1.47 -4.68 10.52
C TRP A 341 2.48 -4.06 11.50
N TYR A 342 2.00 -3.65 12.69
CA TYR A 342 2.89 -3.07 13.68
C TYR A 342 3.87 -4.12 14.18
N ALA A 343 3.37 -5.34 14.37
CA ALA A 343 4.20 -6.44 14.80
C ALA A 343 5.28 -6.82 13.79
N VAL A 344 4.90 -6.93 12.51
CA VAL A 344 5.89 -7.27 11.50
C VAL A 344 6.85 -6.09 11.26
N ARG A 345 6.36 -4.85 11.35
CA ARG A 345 7.27 -3.71 11.23
CA ARG A 345 7.24 -3.69 11.25
C ARG A 345 8.36 -3.80 12.28
N THR A 346 7.96 -4.02 13.53
CA THR A 346 8.91 -4.15 14.62
C THR A 346 9.89 -5.30 14.39
N ALA A 347 9.40 -6.46 13.95
CA ALA A 347 10.29 -7.60 13.74
C ALA A 347 11.32 -7.34 12.63
N VAL A 348 10.86 -6.74 11.53
CA VAL A 348 11.76 -6.51 10.40
C VAL A 348 12.84 -5.47 10.77
N ILE A 349 12.42 -4.36 11.37
CA ILE A 349 13.38 -3.33 11.74
C ILE A 349 14.37 -3.83 12.81
N ASN A 350 13.86 -4.57 13.80
CA ASN A 350 14.73 -5.08 14.83
C ASN A 350 15.74 -6.12 14.32
N ALA A 351 15.28 -7.03 13.46
CA ALA A 351 16.17 -8.06 12.93
C ALA A 351 17.21 -7.45 11.98
N ALA A 352 16.76 -6.53 11.13
CA ALA A 352 17.65 -5.85 10.19
C ALA A 352 18.74 -5.03 10.90
N SER A 353 18.39 -4.39 12.01
CA SER A 353 19.32 -3.52 12.72
C SER A 353 20.16 -4.26 13.76
N GLY A 354 19.89 -5.54 13.94
CA GLY A 354 20.64 -6.32 14.91
C GLY A 354 20.23 -6.11 16.35
N ARG A 355 19.04 -5.56 16.56
CA ARG A 355 18.50 -5.43 17.92
C ARG A 355 17.88 -6.73 18.42
N GLN A 356 17.41 -7.58 17.51
CA GLN A 356 16.93 -8.92 17.86
C GLN A 356 17.40 -9.91 16.81
N THR A 357 17.49 -11.19 17.18
CA THR A 357 17.71 -12.22 16.17
C THR A 357 16.42 -12.42 15.39
N VAL A 358 16.51 -13.08 14.24
CA VAL A 358 15.32 -13.36 13.45
C VAL A 358 14.31 -14.22 14.22
N ASP A 359 14.80 -15.27 14.88
CA ASP A 359 13.92 -16.13 15.66
C ASP A 359 13.20 -15.37 16.77
N GLU A 360 13.95 -14.54 17.52
CA GLU A 360 13.34 -13.72 18.57
C GLU A 360 12.30 -12.76 18.01
N ALA A 361 12.65 -12.08 16.92
CA ALA A 361 11.80 -11.05 16.36
C ALA A 361 10.46 -11.60 15.87
N LEU A 362 10.51 -12.70 15.12
CA LEU A 362 9.29 -13.27 14.56
C LEU A 362 8.43 -14.00 15.61
N LYS A 363 9.06 -14.56 16.64
CA LYS A 363 8.29 -15.12 17.75
C LYS A 363 7.41 -14.03 18.39
N ASP A 364 8.01 -12.86 18.65
CA ASP A 364 7.24 -11.75 19.18
C ASP A 364 6.13 -11.34 18.19
N ALA A 365 6.46 -11.27 16.91
CA ALA A 365 5.45 -10.84 15.93
C ALA A 365 4.27 -11.79 15.89
N GLN A 366 4.55 -13.08 16.02
CA GLN A 366 3.50 -14.10 16.08
C GLN A 366 2.56 -13.87 17.27
N THR A 367 3.14 -13.62 18.43
CA THR A 367 2.38 -13.34 19.63
C THR A 367 1.45 -12.13 19.51
N ASN A 368 1.97 -11.00 19.04
CA ASN A 368 1.16 -9.81 18.95
C ASN A 368 0.11 -9.89 17.85
N SER A 369 0.46 -10.56 16.75
CA SER A 369 -0.48 -10.69 15.64
C SER A 369 -1.72 -11.50 16.00
N SER A 370 -1.54 -12.45 16.92
CA SER A 370 -2.60 -13.42 17.19
C SER A 370 -3.33 -13.06 18.47
N SER A 371 -3.03 -11.89 19.02
CA SER A 371 -3.67 -11.39 20.23
C SER A 371 -4.90 -10.57 19.88
N LYS A 372 -6.07 -11.17 20.04
CA LYS A 372 -7.33 -10.48 19.78
C LYS A 372 -7.32 -9.13 20.49
N THR A 373 -7.22 -8.07 19.71
CA THR A 373 -7.07 -6.72 20.27
C THR A 373 -8.41 -6.08 20.62
N LYS A 374 -8.64 -5.89 21.92
CA LYS A 374 -9.66 -4.95 22.35
C LYS A 374 -9.11 -3.60 21.96
N GLU A 375 -9.55 -3.09 20.82
CA GLU A 375 -8.99 -1.86 20.27
C GLU A 375 -9.79 -0.64 20.69
N GLN A 376 -9.08 0.43 21.05
CA GLN A 376 -9.72 1.70 21.33
C GLN A 376 -9.09 2.81 20.49
N VAL A 377 -9.89 3.80 20.12
CA VAL A 377 -9.41 4.96 19.40
C VAL A 377 -9.37 6.17 20.34
N THR A 378 -9.51 5.89 21.63
CA THR A 378 -9.34 6.90 22.67
C THR A 378 -7.86 7.26 22.83
N ASN A 379 -7.59 8.37 23.49
CA ASN A 379 -6.21 8.73 23.82
C ASN A 379 -6.07 9.55 25.11
N VAL A 380 -4.83 9.85 25.47
CA VAL A 380 -4.52 10.51 26.73
C VAL A 380 -5.19 11.89 26.87
N GLY A 381 -5.40 12.56 25.74
CA GLY A 381 -6.00 13.89 25.73
C GLY A 381 -7.43 13.95 26.26
N GLY A 382 -8.13 12.82 26.21
CA GLY A 382 -9.50 12.77 26.69
C GLY A 382 -9.62 12.11 28.07
N ALA A 383 -8.49 11.68 28.62
CA ALA A 383 -8.48 10.98 29.89
C ALA A 383 -8.79 11.89 31.07
N VAL A 384 -9.58 11.38 32.01
CA VAL A 384 -9.93 12.14 33.21
C VAL A 384 -9.73 11.28 34.46
N VAL A 385 -9.08 11.85 35.47
CA VAL A 385 -8.83 11.13 36.71
C VAL A 385 -10.12 10.96 37.51
N THR A 386 -10.38 9.72 37.93
CA THR A 386 -11.58 9.41 38.70
C THR A 386 -11.24 8.59 39.94
#